data_3I9K
#
_entry.id   3I9K
#
_cell.length_a   69.501
_cell.length_b   58.317
_cell.length_c   71.515
_cell.angle_alpha   90.00
_cell.angle_beta   101.20
_cell.angle_gamma   90.00
#
_symmetry.space_group_name_H-M   'P 1 21 1'
#
loop_
_entity.id
_entity.type
_entity.pdbx_description
1 polymer 'ADP-ribosyl cyclase'
2 non-polymer NICOTINAMIDE-ADENINE-DINUCLEOTIDE
3 water water
#
_entity_poly.entity_id   1
_entity_poly.type   'polypeptide(L)'
_entity_poly.pdbx_seq_one_letter_code
;IVPTRELENVFLGRCKDYEITRYLDILPRVRSDCSALWKDFFKAFSFKNPCDLDLGSYKDFFTSAQQQLPKNKVMFWSGV
YDEAHDYANTGRKYITLEDTLPGYMLNSLVWCGQRANPGFNEKVCPDFKTCPVQARESFWGMASSSYAHSAEGEVTYMVD
GSNPKVPAYRPDSFFGKYGLPNLTNKVTRVKVIVLHRLGEKIIEKCGAGSLLDLEKLVKAKHFAFDCVENPRAVLFLLCS
DNPNARECRLAKRFYRIA
;
_entity_poly.pdbx_strand_id   A,B
#
loop_
_chem_comp.id
_chem_comp.type
_chem_comp.name
_chem_comp.formula
NAD non-polymer NICOTINAMIDE-ADENINE-DINUCLEOTIDE 'C21 H27 N7 O14 P2'
#
# COMPACT_ATOMS: atom_id res chain seq x y z
N ILE A 1 -11.30 23.06 8.11
CA ILE A 1 -10.94 21.79 7.41
C ILE A 1 -12.10 20.84 7.64
N VAL A 2 -12.46 20.06 6.62
CA VAL A 2 -13.58 19.17 6.71
C VAL A 2 -13.10 17.85 7.35
N PRO A 3 -13.79 17.36 8.41
CA PRO A 3 -13.31 16.15 9.06
C PRO A 3 -13.68 14.89 8.25
N THR A 4 -12.97 13.80 8.52
CA THR A 4 -13.33 12.52 7.92
C THR A 4 -14.75 12.13 8.27
N ARG A 5 -15.57 11.75 7.28
CA ARG A 5 -16.91 11.21 7.56
C ARG A 5 -16.90 9.86 8.19
N GLU A 6 -17.93 9.56 8.98
CA GLU A 6 -18.08 8.19 9.55
C GLU A 6 -16.78 7.76 10.23
N LEU A 7 -16.27 8.66 11.09
CA LEU A 7 -14.97 8.39 11.67
C LEU A 7 -14.97 7.09 12.39
N GLU A 8 -15.99 6.88 13.22
CA GLU A 8 -16.03 5.63 14.02
C GLU A 8 -15.99 4.40 13.03
N ASN A 9 -16.82 4.41 11.99
CA ASN A 9 -16.85 3.27 11.04
C ASN A 9 -15.52 3.06 10.34
N VAL A 10 -14.92 4.16 9.88
CA VAL A 10 -13.54 4.06 9.30
C VAL A 10 -12.48 3.48 10.22
N PHE A 11 -12.42 4.00 11.46
CA PHE A 11 -11.47 3.55 12.43
C PHE A 11 -11.66 2.05 12.64
N LEU A 12 -12.90 1.67 12.92
CA LEU A 12 -13.17 0.25 13.17
C LEU A 12 -12.94 -0.67 11.94
N GLY A 13 -13.29 -0.18 10.76
CA GLY A 13 -13.06 -0.89 9.51
C GLY A 13 -11.57 -1.15 9.25
N ARG A 14 -10.78 -0.09 9.33
CA ARG A 14 -9.28 -0.18 9.33
C ARG A 14 -8.73 -1.07 10.39
N CYS A 15 -9.27 -0.97 11.62
CA CYS A 15 -8.73 -1.73 12.70
C CYS A 15 -8.98 -3.24 12.41
N LYS A 16 -10.16 -3.59 11.88
CA LYS A 16 -10.50 -5.03 11.58
C LYS A 16 -9.68 -5.55 10.39
N ASP A 17 -9.63 -4.78 9.29
CA ASP A 17 -8.75 -5.09 8.19
C ASP A 17 -7.31 -5.36 8.70
N TYR A 18 -6.80 -4.44 9.52
CA TYR A 18 -5.39 -4.60 9.98
C TYR A 18 -5.29 -5.87 10.81
N GLU A 19 -6.17 -6.03 11.80
CA GLU A 19 -6.10 -7.15 12.75
C GLU A 19 -6.00 -8.47 12.01
N ILE A 20 -6.92 -8.67 11.06
CA ILE A 20 -7.00 -9.95 10.35
C ILE A 20 -6.05 -10.12 9.14
N THR A 21 -5.74 -9.07 8.40
CA THR A 21 -5.00 -9.26 7.19
C THR A 21 -3.69 -8.48 6.95
N ARG A 22 -3.35 -7.48 7.76
CA ARG A 22 -2.20 -6.61 7.43
C ARG A 22 -0.99 -6.84 8.33
N TYR A 23 0.19 -6.91 7.73
CA TYR A 23 1.47 -7.01 8.44
C TYR A 23 1.61 -8.21 9.30
N LEU A 24 0.96 -9.28 8.87
CA LEU A 24 0.80 -10.48 9.67
C LEU A 24 2.15 -11.14 10.00
N ASP A 25 3.09 -11.06 9.12
CA ASP A 25 4.38 -11.68 9.51
C ASP A 25 5.42 -10.65 9.86
N ILE A 26 4.98 -9.42 9.98
CA ILE A 26 5.90 -8.31 10.15
C ILE A 26 5.73 -7.64 11.52
N LEU A 27 4.47 -7.55 11.99
CA LEU A 27 4.18 -6.93 13.29
C LEU A 27 3.13 -7.74 14.06
N PRO A 28 3.22 -7.73 15.41
CA PRO A 28 2.34 -8.52 16.25
C PRO A 28 0.92 -7.88 16.30
N ARG A 29 -0.05 -8.67 16.73
CA ARG A 29 -1.34 -8.18 16.97
C ARG A 29 -1.39 -7.55 18.36
N VAL A 30 -2.36 -6.68 18.56
CA VAL A 30 -2.52 -5.95 19.78
C VAL A 30 -3.56 -6.78 20.59
N ARG A 31 -3.46 -6.81 21.92
CA ARG A 31 -4.41 -7.60 22.70
C ARG A 31 -5.80 -6.94 22.74
N SER A 32 -5.86 -5.60 22.72
CA SER A 32 -7.16 -4.93 22.83
C SER A 32 -8.01 -5.15 21.59
N ASP A 33 -9.32 -5.29 21.74
CA ASP A 33 -10.12 -5.40 20.56
C ASP A 33 -10.45 -4.01 19.98
N CYS A 34 -10.96 -3.99 18.75
CA CYS A 34 -11.15 -2.77 17.95
C CYS A 34 -12.12 -1.87 18.70
N SER A 35 -13.19 -2.44 19.28
CA SER A 35 -14.11 -1.62 20.08
C SER A 35 -13.51 -0.94 21.27
N ALA A 36 -12.62 -1.66 21.95
CA ALA A 36 -11.91 -1.08 23.11
C ALA A 36 -10.96 0.05 22.67
N LEU A 37 -10.24 -0.18 21.59
CA LEU A 37 -9.39 0.86 21.04
C LEU A 37 -10.16 2.11 20.65
N TRP A 38 -11.29 1.95 20.01
CA TRP A 38 -12.16 3.07 19.65
C TRP A 38 -12.55 3.82 20.92
N LYS A 39 -12.97 3.09 21.95
CA LYS A 39 -13.35 3.81 23.18
C LYS A 39 -12.20 4.66 23.73
N ASP A 40 -11.00 4.11 23.82
CA ASP A 40 -9.83 4.81 24.27
C ASP A 40 -9.60 6.06 23.41
N PHE A 41 -9.68 5.90 22.10
CA PHE A 41 -9.38 6.94 21.16
C PHE A 41 -10.36 8.07 21.30
N PHE A 42 -11.64 7.72 21.33
CA PHE A 42 -12.73 8.70 21.41
C PHE A 42 -12.70 9.50 22.69
N LYS A 43 -12.42 8.81 23.78
CA LYS A 43 -12.25 9.38 25.07
C LYS A 43 -11.13 10.44 25.07
N ALA A 44 -10.12 10.32 24.22
CA ALA A 44 -8.98 11.25 24.30
C ALA A 44 -9.35 12.68 23.92
N PHE A 45 -10.26 12.81 22.93
CA PHE A 45 -10.50 14.14 22.32
C PHE A 45 -11.90 14.66 22.49
N SER A 46 -12.84 13.79 22.82
CA SER A 46 -14.23 14.18 22.75
C SER A 46 -14.64 15.05 23.94
N PHE A 47 -15.63 15.90 23.67
CA PHE A 47 -16.15 16.83 24.66
C PHE A 47 -15.08 17.73 25.22
N LYS A 48 -14.14 18.10 24.39
CA LYS A 48 -13.14 19.05 24.73
C LYS A 48 -13.05 19.97 23.51
N ASN A 49 -12.71 21.24 23.74
CA ASN A 49 -12.28 22.10 22.64
C ASN A 49 -10.99 21.57 22.00
N PRO A 50 -10.95 21.60 20.67
CA PRO A 50 -9.75 21.11 20.00
C PRO A 50 -8.41 21.74 20.48
N CYS A 51 -8.38 23.03 20.80
CA CYS A 51 -7.12 23.67 21.25
C CYS A 51 -6.68 23.30 22.66
N ASP A 52 -7.49 22.48 23.33
CA ASP A 52 -7.20 21.94 24.65
C ASP A 52 -6.83 20.42 24.52
N LEU A 53 -5.91 20.10 23.64
CA LEU A 53 -5.39 18.79 23.73
C LEU A 53 -3.96 19.02 24.08
N ASP A 54 -3.31 18.02 24.64
CA ASP A 54 -1.87 18.11 24.88
C ASP A 54 -1.22 16.78 24.72
N LEU A 55 0.07 16.70 25.05
CA LEU A 55 0.78 15.48 24.65
C LEU A 55 0.30 14.25 25.48
N GLY A 56 -0.37 14.50 26.59
CA GLY A 56 -0.95 13.42 27.43
C GLY A 56 -2.35 12.93 26.93
N SER A 57 -3.05 13.73 26.11
CA SER A 57 -4.48 13.39 25.79
C SER A 57 -4.67 11.95 25.31
N TYR A 58 -3.83 11.50 24.34
CA TYR A 58 -3.97 10.12 23.81
C TYR A 58 -3.10 9.09 24.49
N LYS A 59 -2.59 9.44 25.67
CA LYS A 59 -1.65 8.52 26.32
C LYS A 59 -2.24 7.09 26.47
N ASP A 60 -3.43 6.99 27.03
CA ASP A 60 -4.05 5.66 27.22
C ASP A 60 -4.30 4.91 25.95
N PHE A 61 -4.74 5.63 24.92
CA PHE A 61 -4.90 5.04 23.60
C PHE A 61 -3.58 4.40 23.08
N PHE A 62 -2.49 5.16 23.13
CA PHE A 62 -1.25 4.62 22.62
C PHE A 62 -0.74 3.44 23.44
N THR A 63 -0.95 3.49 24.75
CA THR A 63 -0.67 2.40 25.64
C THR A 63 -1.37 1.13 25.18
N SER A 64 -2.69 1.16 24.93
CA SER A 64 -3.36 -0.05 24.39
C SER A 64 -2.91 -0.49 22.97
N ALA A 65 -2.58 0.50 22.11
CA ALA A 65 -2.41 0.27 20.67
C ALA A 65 -0.98 -0.10 20.31
N GLN A 66 -0.08 -0.01 21.29
CA GLN A 66 1.37 -0.11 20.96
C GLN A 66 1.77 -1.53 20.69
N GLN A 67 2.42 -1.78 19.58
CA GLN A 67 2.90 -3.12 19.25
C GLN A 67 4.38 -3.16 19.59
N GLN A 68 4.87 -4.32 20.01
CA GLN A 68 6.31 -4.51 20.01
C GLN A 68 6.84 -4.42 18.57
N LEU A 69 7.99 -3.76 18.38
CA LEU A 69 8.49 -3.40 17.05
C LEU A 69 9.73 -4.29 16.72
N PRO A 70 9.80 -4.82 15.49
CA PRO A 70 10.91 -5.71 15.08
C PRO A 70 12.28 -5.03 15.22
N LYS A 71 13.19 -5.76 15.81
CA LYS A 71 14.54 -5.25 16.03
C LYS A 71 15.18 -4.78 14.73
N ASN A 72 15.91 -3.63 14.78
CA ASN A 72 16.61 -3.09 13.59
C ASN A 72 15.78 -2.65 12.39
N LYS A 73 14.44 -2.65 12.43
CA LYS A 73 13.71 -2.30 11.22
C LYS A 73 12.93 -0.99 11.37
N VAL A 74 12.99 -0.36 12.54
CA VAL A 74 12.27 0.91 12.78
C VAL A 74 12.86 2.05 11.98
N MET A 75 12.01 2.73 11.21
CA MET A 75 12.42 3.89 10.42
C MET A 75 11.62 5.14 10.81
N PHE A 76 12.29 6.30 10.85
CA PHE A 76 11.74 7.66 11.04
C PHE A 76 12.03 8.40 9.74
N TRP A 77 11.19 9.40 9.37
CA TRP A 77 11.36 10.10 8.07
C TRP A 77 11.02 11.59 8.33
N SER A 78 11.61 12.51 7.56
CA SER A 78 11.24 13.92 7.75
C SER A 78 11.36 14.49 6.38
N GLY A 79 10.27 15.08 5.89
CA GLY A 79 10.24 15.80 4.60
C GLY A 79 10.36 14.93 3.38
N VAL A 80 10.25 13.62 3.56
CA VAL A 80 10.41 12.69 2.47
C VAL A 80 9.36 11.56 2.52
N TYR A 81 8.09 11.87 2.77
CA TYR A 81 7.10 10.80 3.04
C TYR A 81 7.08 9.73 1.94
N ASP A 82 6.96 10.14 0.68
CA ASP A 82 6.73 9.17 -0.39
C ASP A 82 7.97 8.30 -0.54
N GLU A 83 9.14 8.93 -0.57
CA GLU A 83 10.42 8.18 -0.74
C GLU A 83 10.69 7.19 0.42
N ALA A 84 10.47 7.68 1.64
CA ALA A 84 10.68 6.85 2.82
C ALA A 84 9.73 5.64 2.82
N HIS A 85 8.43 5.85 2.43
CA HIS A 85 7.44 4.70 2.46
C HIS A 85 7.67 3.76 1.28
N ASP A 86 8.09 4.31 0.16
CA ASP A 86 8.38 3.46 -1.03
C ASP A 86 9.61 2.57 -0.66
N TYR A 87 10.65 3.17 -0.08
CA TYR A 87 11.88 2.45 0.31
C TYR A 87 11.64 1.42 1.43
N ALA A 88 10.74 1.78 2.34
CA ALA A 88 10.42 0.92 3.48
C ALA A 88 9.63 -0.24 3.00
N ASN A 89 8.79 -0.01 2.02
CA ASN A 89 8.19 -1.11 1.27
C ASN A 89 7.13 -1.88 2.09
N THR A 90 6.16 -1.14 2.61
CA THR A 90 5.06 -1.70 3.42
C THR A 90 5.55 -2.73 4.42
N GLY A 91 6.60 -2.36 5.16
CA GLY A 91 6.98 -3.18 6.24
C GLY A 91 8.00 -4.24 5.89
N ARG A 92 8.21 -4.47 4.60
CA ARG A 92 9.17 -5.52 4.22
C ARG A 92 10.61 -5.17 4.49
N LYS A 93 11.03 -3.96 4.18
CA LYS A 93 12.41 -3.60 4.50
C LYS A 93 12.53 -2.83 5.81
N TYR A 94 11.68 -1.83 5.96
CA TYR A 94 11.60 -1.14 7.24
C TYR A 94 10.09 -1.00 7.63
N ILE A 95 9.90 -0.77 8.92
CA ILE A 95 8.65 -0.35 9.56
C ILE A 95 8.66 1.18 9.59
N THR A 96 7.57 1.82 9.19
CA THR A 96 7.33 3.23 9.58
C THR A 96 6.13 3.33 10.52
N LEU A 97 5.96 4.49 11.11
CA LEU A 97 4.82 4.66 12.04
C LEU A 97 3.50 4.36 11.35
N GLU A 98 3.43 4.70 10.07
CA GLU A 98 2.24 4.44 9.32
C GLU A 98 1.91 2.95 9.02
N ASP A 99 2.83 2.01 9.29
CA ASP A 99 2.53 0.61 9.19
C ASP A 99 2.04 0.01 10.50
N THR A 100 2.17 0.74 11.60
CA THR A 100 1.84 0.23 12.92
C THR A 100 0.28 0.40 13.01
N LEU A 101 -0.35 -0.30 13.94
CA LEU A 101 -1.76 -0.23 14.06
C LEU A 101 -2.31 1.20 14.22
N PRO A 102 -1.86 2.01 15.23
CA PRO A 102 -2.51 3.35 15.42
C PRO A 102 -2.18 4.22 14.21
N GLY A 103 -1.02 4.04 13.59
CA GLY A 103 -0.63 4.94 12.45
C GLY A 103 -1.43 4.59 11.25
N TYR A 104 -1.65 3.31 11.07
CA TYR A 104 -2.43 2.80 9.94
C TYR A 104 -3.88 3.26 10.12
N MET A 105 -4.39 3.09 11.32
CA MET A 105 -5.82 3.46 11.51
C MET A 105 -6.09 4.92 11.27
N LEU A 106 -5.22 5.84 11.76
CA LEU A 106 -5.48 7.31 11.66
C LEU A 106 -4.77 8.06 10.59
N ASN A 107 -3.96 7.34 9.83
CA ASN A 107 -3.27 8.00 8.72
C ASN A 107 -4.21 8.72 7.80
N SER A 108 -3.86 9.97 7.52
CA SER A 108 -4.65 10.84 6.66
C SER A 108 -5.98 11.33 7.20
N LEU A 109 -6.36 10.87 8.36
CA LEU A 109 -7.73 11.20 8.77
C LEU A 109 -7.67 12.59 9.50
N VAL A 110 -8.84 13.20 9.61
CA VAL A 110 -9.05 14.55 10.17
C VAL A 110 -10.24 14.39 11.16
N TRP A 111 -10.06 14.81 12.40
CA TRP A 111 -11.18 14.78 13.37
C TRP A 111 -10.99 15.88 14.42
N CYS A 112 -12.07 16.22 15.14
CA CYS A 112 -11.94 17.20 16.25
C CYS A 112 -13.05 16.95 17.27
N GLY A 113 -12.69 17.19 18.53
CA GLY A 113 -13.63 17.26 19.61
C GLY A 113 -14.45 18.52 19.60
N GLN A 114 -15.57 18.49 20.27
CA GLN A 114 -16.32 19.73 20.55
C GLN A 114 -16.98 19.53 21.91
N ARG A 115 -17.50 20.63 22.49
CA ARG A 115 -18.03 20.59 23.83
C ARG A 115 -19.48 20.13 23.84
N ALA A 116 -20.29 20.47 22.83
CA ALA A 116 -21.66 19.90 22.78
C ALA A 116 -21.76 18.48 22.26
N ASN A 117 -22.88 17.81 22.51
CA ASN A 117 -23.14 16.52 21.88
C ASN A 117 -22.97 16.63 20.35
N PRO A 118 -22.43 15.61 19.69
CA PRO A 118 -22.04 14.39 20.33
C PRO A 118 -20.57 14.40 20.81
N GLY A 119 -20.03 15.57 21.14
CA GLY A 119 -18.70 15.60 21.67
C GLY A 119 -17.60 15.59 20.59
N PHE A 120 -17.99 15.49 19.31
CA PHE A 120 -17.05 15.72 18.24
C PHE A 120 -17.80 16.35 17.09
N ASN A 121 -17.03 16.99 16.18
CA ASN A 121 -17.69 17.77 15.11
C ASN A 121 -17.59 17.05 13.81
N GLU A 122 -18.73 16.64 13.26
CA GLU A 122 -18.71 15.69 12.10
C GLU A 122 -18.68 16.39 10.74
N LYS A 123 -18.73 17.71 10.83
CA LYS A 123 -18.93 18.60 9.68
C LYS A 123 -17.85 19.70 9.47
N VAL A 124 -17.23 20.19 10.53
CA VAL A 124 -16.15 21.13 10.37
C VAL A 124 -15.18 21.16 11.54
N CYS A 125 -13.89 21.29 11.24
CA CYS A 125 -12.83 21.34 12.24
C CYS A 125 -11.95 22.59 12.07
N PRO A 126 -11.25 22.99 13.17
CA PRO A 126 -10.60 24.30 13.03
C PRO A 126 -9.31 24.02 12.33
N ASP A 127 -8.85 24.94 11.50
CA ASP A 127 -7.56 24.74 10.94
C ASP A 127 -6.66 24.62 12.19
N PHE A 128 -5.67 23.71 12.22
CA PHE A 128 -5.00 23.55 13.53
C PHE A 128 -3.98 24.66 13.85
N LYS A 129 -3.55 25.37 12.80
CA LYS A 129 -2.71 26.56 12.96
C LYS A 129 -3.28 27.50 14.01
N THR A 130 -4.59 27.45 14.26
CA THR A 130 -5.21 28.25 15.30
C THR A 130 -4.94 27.76 16.73
N CYS A 131 -4.51 26.51 16.90
CA CYS A 131 -4.33 25.99 18.25
C CYS A 131 -2.88 25.98 18.66
N PRO A 132 -2.59 25.76 19.96
CA PRO A 132 -1.22 25.66 20.45
C PRO A 132 -0.52 24.44 19.85
N VAL A 133 0.78 24.58 19.63
CA VAL A 133 1.63 23.51 19.13
C VAL A 133 1.37 22.16 19.85
N GLN A 134 1.31 22.18 21.17
CA GLN A 134 1.12 20.94 21.89
C GLN A 134 -0.24 20.28 21.62
N ALA A 135 -1.24 21.09 21.25
CA ALA A 135 -2.54 20.56 20.83
C ALA A 135 -2.47 20.14 19.38
N ARG A 136 -1.83 20.93 18.51
CA ARG A 136 -1.73 20.51 17.13
C ARG A 136 -1.03 19.14 17.05
N GLU A 137 -0.07 18.94 17.93
CA GLU A 137 0.76 17.77 17.87
C GLU A 137 0.34 16.67 18.84
N SER A 138 -0.82 16.82 19.47
CA SER A 138 -1.11 15.92 20.59
C SER A 138 -1.17 14.42 20.12
N PHE A 139 -1.78 14.19 18.97
CA PHE A 139 -1.92 12.79 18.51
C PHE A 139 -0.64 12.22 17.90
N TRP A 140 -0.10 12.87 16.85
CA TRP A 140 1.09 12.32 16.11
C TRP A 140 2.36 12.42 16.90
N GLY A 141 2.39 13.39 17.77
CA GLY A 141 3.49 13.55 18.70
C GLY A 141 3.51 12.44 19.70
N MET A 142 2.38 12.18 20.35
CA MET A 142 2.34 10.97 21.24
C MET A 142 2.58 9.64 20.49
N ALA A 143 2.06 9.58 19.26
CA ALA A 143 2.30 8.45 18.38
C ALA A 143 3.79 8.19 18.16
N SER A 144 4.50 9.25 17.82
CA SER A 144 5.94 9.15 17.54
C SER A 144 6.67 8.83 18.79
N SER A 145 6.27 9.43 19.94
CA SER A 145 7.00 9.08 21.17
C SER A 145 6.82 7.63 21.53
N SER A 146 5.59 7.15 21.44
CA SER A 146 5.31 5.81 21.87
C SER A 146 6.13 4.84 20.94
N TYR A 147 6.11 5.14 19.64
CA TYR A 147 6.76 4.34 18.58
C TYR A 147 8.29 4.38 18.89
N ALA A 148 8.87 5.58 19.02
CA ALA A 148 10.30 5.68 19.44
C ALA A 148 10.67 4.86 20.65
N HIS A 149 9.84 4.95 21.69
CA HIS A 149 10.06 4.22 22.94
C HIS A 149 10.16 2.70 22.70
N SER A 150 9.48 2.21 21.66
CA SER A 150 9.41 0.75 21.40
C SER A 150 10.52 0.27 20.50
N ALA A 151 11.26 1.21 19.93
CA ALA A 151 12.31 0.85 18.98
C ALA A 151 13.47 0.13 19.66
N GLU A 152 14.02 -0.89 18.97
CA GLU A 152 15.22 -1.63 19.46
C GLU A 152 16.17 -1.93 18.32
N GLY A 153 17.48 -1.96 18.65
CA GLY A 153 18.49 -2.23 17.63
C GLY A 153 18.77 -0.98 16.83
N GLU A 154 19.08 -1.15 15.56
CA GLU A 154 19.43 -0.02 14.73
C GLU A 154 18.13 0.67 14.32
N VAL A 155 18.12 2.01 14.41
CA VAL A 155 17.01 2.79 13.84
C VAL A 155 17.52 3.55 12.64
N THR A 156 16.61 3.79 11.67
CA THR A 156 17.01 4.47 10.46
C THR A 156 16.26 5.78 10.37
N TYR A 157 16.89 6.82 9.83
CA TYR A 157 16.16 8.08 9.71
C TYR A 157 16.38 8.63 8.34
N MET A 158 15.28 8.84 7.57
CA MET A 158 15.44 9.27 6.23
C MET A 158 15.11 10.75 6.19
N VAL A 159 16.01 11.56 5.60
CA VAL A 159 15.83 13.05 5.59
C VAL A 159 16.06 13.66 4.21
N ASP A 160 15.48 14.86 4.01
CA ASP A 160 15.56 15.58 2.75
C ASP A 160 16.85 16.33 2.79
N GLY A 161 17.71 16.13 1.83
CA GLY A 161 19.03 16.81 1.83
C GLY A 161 19.10 17.94 0.80
N SER A 162 17.94 18.33 0.29
CA SER A 162 17.89 19.15 -0.93
C SER A 162 16.88 20.27 -0.80
N ASN A 163 16.48 20.55 0.43
CA ASN A 163 15.62 21.71 0.74
C ASN A 163 16.43 22.86 1.34
N PRO A 164 16.60 23.96 0.59
CA PRO A 164 17.33 25.15 1.14
C PRO A 164 16.60 25.85 2.28
N LYS A 165 15.33 25.57 2.45
CA LYS A 165 14.56 26.28 3.45
C LYS A 165 14.33 25.47 4.71
N VAL A 166 14.63 24.17 4.66
CA VAL A 166 14.27 23.27 5.78
C VAL A 166 15.44 22.29 6.08
N PRO A 167 16.19 22.52 7.18
CA PRO A 167 17.39 21.71 7.38
C PRO A 167 17.01 20.25 7.49
N ALA A 168 17.92 19.36 7.10
CA ALA A 168 17.71 17.93 7.13
C ALA A 168 17.27 17.53 8.53
N TYR A 169 17.96 18.05 9.53
CA TYR A 169 17.61 17.78 10.96
C TYR A 169 17.32 19.12 11.67
N ARG A 170 16.11 19.20 12.27
CA ARG A 170 15.63 20.32 13.07
C ARG A 170 15.24 19.83 14.45
N PRO A 171 15.71 20.50 15.52
CA PRO A 171 15.27 20.16 16.89
C PRO A 171 13.74 20.18 17.01
N ASP A 172 13.06 20.99 16.21
CA ASP A 172 11.63 21.11 16.41
C ASP A 172 10.76 20.31 15.44
N SER A 173 11.35 19.43 14.65
CA SER A 173 10.57 18.47 13.90
C SER A 173 10.03 17.37 14.81
N PHE A 174 9.16 16.50 14.28
CA PHE A 174 8.62 15.40 15.09
C PHE A 174 9.71 14.51 15.54
N PHE A 175 10.67 14.20 14.64
CA PHE A 175 11.77 13.40 15.07
C PHE A 175 12.62 14.10 16.14
N GLY A 176 12.84 15.40 15.96
CA GLY A 176 13.65 16.18 16.90
C GLY A 176 13.01 16.19 18.27
N LYS A 177 11.69 16.29 18.31
CA LYS A 177 11.07 16.62 19.60
C LYS A 177 10.58 15.34 20.20
N TYR A 178 10.13 14.40 19.36
CA TYR A 178 9.41 13.23 19.94
C TYR A 178 10.11 11.95 19.60
N GLY A 179 10.97 11.99 18.59
CA GLY A 179 11.58 10.74 18.15
C GLY A 179 12.91 10.49 18.86
N LEU A 180 13.92 11.25 18.48
CA LEU A 180 15.23 11.07 19.18
C LEU A 180 15.23 11.10 20.73
N PRO A 181 14.57 12.11 21.38
CA PRO A 181 14.59 12.23 22.87
C PRO A 181 14.05 10.98 23.47
N ASN A 182 13.33 10.19 22.68
CA ASN A 182 12.61 9.08 23.24
C ASN A 182 13.18 7.67 22.93
N LEU A 183 14.31 7.64 22.23
CA LEU A 183 14.98 6.38 21.93
C LEU A 183 15.65 5.86 23.22
N THR A 184 15.47 4.59 23.55
CA THR A 184 16.02 4.08 24.79
C THR A 184 17.35 3.44 24.56
N ASN A 185 17.89 2.89 25.62
CA ASN A 185 19.12 2.18 25.47
C ASN A 185 19.00 0.82 24.78
N LYS A 186 17.78 0.40 24.41
CA LYS A 186 17.62 -0.71 23.51
C LYS A 186 18.05 -0.37 22.09
N VAL A 187 18.10 0.93 21.77
CA VAL A 187 18.68 1.41 20.48
C VAL A 187 20.19 1.38 20.55
N THR A 188 20.79 0.84 19.49
CA THR A 188 22.25 0.69 19.35
C THR A 188 22.88 1.71 18.36
N ARG A 189 22.12 2.15 17.36
CA ARG A 189 22.72 2.96 16.29
C ARG A 189 21.58 3.75 15.62
N VAL A 190 21.89 4.99 15.24
CA VAL A 190 21.01 5.71 14.35
C VAL A 190 21.72 5.79 12.97
N LYS A 191 21.05 5.29 11.93
CA LYS A 191 21.55 5.31 10.58
C LYS A 191 20.78 6.34 9.73
N VAL A 192 21.51 7.35 9.21
CA VAL A 192 20.80 8.44 8.53
C VAL A 192 20.92 8.16 7.02
N ILE A 193 19.78 8.32 6.34
CA ILE A 193 19.79 8.28 4.84
C ILE A 193 19.40 9.69 4.39
N VAL A 194 20.34 10.39 3.75
CA VAL A 194 20.08 11.71 3.17
C VAL A 194 19.64 11.59 1.72
N LEU A 195 18.45 12.08 1.44
CA LEU A 195 17.92 12.04 0.12
C LEU A 195 18.30 13.28 -0.70
N HIS A 196 19.04 13.11 -1.79
CA HIS A 196 19.21 14.21 -2.73
C HIS A 196 18.30 14.02 -3.97
N ARG A 197 17.28 14.87 -4.06
CA ARG A 197 16.29 14.76 -5.11
C ARG A 197 16.97 14.97 -6.45
N LEU A 198 16.53 14.21 -7.44
CA LEU A 198 17.25 14.25 -8.70
C LEU A 198 17.06 15.65 -9.29
N GLY A 199 18.10 16.19 -9.87
CA GLY A 199 17.98 17.46 -10.57
C GLY A 199 17.79 18.67 -9.67
N GLU A 200 17.97 18.47 -8.37
CA GLU A 200 17.89 19.57 -7.40
C GLU A 200 19.28 19.85 -6.78
N LYS A 201 19.48 21.08 -6.32
CA LYS A 201 20.77 21.42 -5.80
C LYS A 201 20.92 20.71 -4.44
N ILE A 202 22.09 20.12 -4.23
CA ILE A 202 22.41 19.48 -2.93
C ILE A 202 22.61 20.51 -1.85
N ILE A 203 21.87 20.38 -0.77
CA ILE A 203 21.99 21.37 0.29
C ILE A 203 22.78 20.83 1.50
N GLU A 204 22.48 19.61 1.92
CA GLU A 204 23.02 19.07 3.15
C GLU A 204 23.82 17.80 2.85
N LYS A 205 24.82 17.58 3.67
CA LYS A 205 25.75 16.49 3.45
C LYS A 205 26.06 15.93 4.80
N CYS A 206 26.34 14.66 4.85
CA CYS A 206 26.73 13.96 6.05
C CYS A 206 27.94 14.69 6.63
N GLY A 207 28.02 14.70 7.96
CA GLY A 207 29.14 15.33 8.66
C GLY A 207 29.19 16.82 8.60
N ALA A 208 28.16 17.47 8.05
CA ALA A 208 28.14 18.90 8.00
C ALA A 208 26.80 19.48 8.38
N GLY A 209 26.81 20.74 8.82
CA GLY A 209 25.53 21.50 9.06
C GLY A 209 24.69 20.81 10.09
N SER A 210 23.40 20.64 9.79
CA SER A 210 22.44 20.14 10.80
C SER A 210 22.70 18.61 11.00
N LEU A 211 23.23 17.98 9.96
CA LEU A 211 23.63 16.57 10.05
C LEU A 211 24.81 16.31 11.02
N LEU A 212 25.67 17.29 11.18
CA LEU A 212 26.71 17.19 12.19
C LEU A 212 26.15 17.51 13.56
N ASP A 213 25.26 18.50 13.66
CA ASP A 213 24.57 18.61 14.97
C ASP A 213 23.92 17.30 15.37
N LEU A 214 23.25 16.64 14.43
CA LEU A 214 22.52 15.38 14.74
C LEU A 214 23.50 14.28 15.11
N GLU A 215 24.58 14.18 14.35
CA GLU A 215 25.70 13.23 14.70
C GLU A 215 26.16 13.38 16.12
N LYS A 216 26.40 14.63 16.53
CA LYS A 216 26.86 14.89 17.89
C LYS A 216 25.81 14.50 18.95
N LEU A 217 24.54 14.80 18.70
CA LEU A 217 23.45 14.47 19.60
C LEU A 217 23.31 12.98 19.79
N VAL A 218 23.36 12.24 18.68
CA VAL A 218 23.29 10.76 18.71
C VAL A 218 24.45 10.14 19.52
N LYS A 219 25.65 10.63 19.25
CA LYS A 219 26.81 10.11 19.98
C LYS A 219 26.77 10.44 21.47
N ALA A 220 26.29 11.63 21.82
CA ALA A 220 26.15 11.99 23.22
C ALA A 220 25.06 11.15 23.92
N LYS A 221 24.18 10.50 23.16
CA LYS A 221 23.23 9.48 23.67
C LYS A 221 23.85 8.07 23.69
N HIS A 222 25.14 8.00 23.41
CA HIS A 222 25.90 6.75 23.27
C HIS A 222 25.33 5.71 22.25
N PHE A 223 24.65 6.19 21.20
CA PHE A 223 24.28 5.37 20.03
C PHE A 223 25.38 5.43 18.99
N ALA A 224 25.60 4.36 18.25
CA ALA A 224 26.52 4.47 17.15
C ALA A 224 25.79 5.36 16.13
N PHE A 225 26.53 5.79 15.11
CA PHE A 225 25.91 6.70 14.13
C PHE A 225 26.53 6.47 12.75
N ASP A 226 25.70 6.42 11.71
CA ASP A 226 26.22 6.53 10.36
C ASP A 226 25.34 7.28 9.44
N CYS A 227 25.85 7.62 8.26
CA CYS A 227 25.14 8.61 7.43
C CYS A 227 25.49 8.31 5.99
N VAL A 228 24.51 8.22 5.06
CA VAL A 228 24.79 8.00 3.62
C VAL A 228 23.94 8.92 2.79
N GLU A 229 24.43 9.29 1.63
CA GLU A 229 23.66 10.14 0.71
C GLU A 229 23.30 9.33 -0.51
N ASN A 230 21.98 9.20 -0.80
CA ASN A 230 21.58 8.48 -2.04
C ASN A 230 22.35 7.18 -2.21
N PRO A 231 22.31 6.34 -1.15
CA PRO A 231 22.72 4.93 -1.28
C PRO A 231 22.05 4.29 -2.51
N ARG A 232 22.79 3.48 -3.25
CA ARG A 232 22.29 2.89 -4.51
C ARG A 232 20.86 2.49 -4.47
N ALA A 233 20.44 1.78 -3.44
CA ALA A 233 19.09 1.25 -3.49
C ALA A 233 18.07 2.39 -3.52
N VAL A 234 18.34 3.45 -2.76
CA VAL A 234 17.50 4.63 -2.75
C VAL A 234 17.59 5.37 -4.10
N LEU A 235 18.82 5.57 -4.62
CA LEU A 235 18.95 6.21 -5.88
C LEU A 235 18.15 5.52 -6.96
N PHE A 236 18.14 4.19 -6.97
CA PHE A 236 17.36 3.46 -8.00
C PHE A 236 15.88 3.71 -7.89
N LEU A 237 15.36 3.77 -6.68
CA LEU A 237 13.98 4.18 -6.45
C LEU A 237 13.69 5.59 -7.04
N LEU A 238 14.56 6.55 -6.79
CA LEU A 238 14.45 7.89 -7.45
C LEU A 238 14.46 7.79 -8.95
N CYS A 239 15.47 7.13 -9.49
CA CYS A 239 15.56 6.88 -10.89
C CYS A 239 14.33 6.26 -11.56
N SER A 240 13.63 5.35 -10.88
CA SER A 240 12.45 4.75 -11.46
C SER A 240 11.47 5.86 -11.82
N ASP A 241 11.36 6.92 -11.03
CA ASP A 241 10.42 7.98 -11.40
C ASP A 241 10.96 9.05 -12.32
N ASN A 242 12.26 9.08 -12.53
CA ASN A 242 12.86 10.04 -13.42
C ASN A 242 13.97 9.29 -14.12
N PRO A 243 13.65 8.33 -15.01
CA PRO A 243 14.79 7.55 -15.55
C PRO A 243 15.80 8.29 -16.36
N ASN A 244 15.37 9.42 -16.93
CA ASN A 244 16.32 10.16 -17.78
C ASN A 244 17.15 11.26 -17.12
N ALA A 245 16.96 11.41 -15.81
CA ALA A 245 17.82 12.30 -15.04
C ALA A 245 19.28 11.92 -15.25
N ARG A 246 20.13 12.93 -15.35
CA ARG A 246 21.58 12.71 -15.46
C ARG A 246 22.14 11.68 -14.47
N GLU A 247 21.75 11.73 -13.20
CA GLU A 247 22.30 10.83 -12.15
C GLU A 247 22.02 9.35 -12.41
N CYS A 248 21.14 9.05 -13.39
CA CYS A 248 20.60 7.69 -13.60
C CYS A 248 21.19 6.98 -14.79
N ARG A 249 22.26 7.53 -15.34
CA ARG A 249 22.85 6.94 -16.54
C ARG A 249 23.50 5.57 -16.25
N LEU A 250 23.16 4.57 -17.05
CA LEU A 250 23.72 3.21 -16.85
C LEU A 250 24.98 3.00 -17.67
N ALA A 251 25.77 1.97 -17.34
CA ALA A 251 27.16 1.81 -17.84
C ALA A 251 27.35 1.46 -19.31
N ILE B 1 -7.26 -25.41 2.02
CA ILE B 1 -6.75 -24.09 2.55
C ILE B 1 -7.56 -23.46 3.69
N VAL B 2 -6.96 -22.50 4.39
CA VAL B 2 -7.51 -22.05 5.64
C VAL B 2 -8.32 -20.83 5.25
N PRO B 3 -9.64 -20.84 5.50
CA PRO B 3 -10.47 -19.66 5.15
C PRO B 3 -10.12 -18.44 6.01
N THR B 4 -10.22 -17.25 5.41
CA THR B 4 -10.15 -16.00 6.16
C THR B 4 -11.15 -15.96 7.36
N ARG B 5 -10.62 -15.58 8.52
CA ARG B 5 -11.41 -15.43 9.72
C ARG B 5 -12.20 -14.17 9.58
N GLU B 6 -13.37 -14.18 10.22
CA GLU B 6 -14.27 -13.01 10.25
C GLU B 6 -14.53 -12.40 8.87
N LEU B 7 -14.85 -13.26 7.92
CA LEU B 7 -14.91 -12.80 6.54
C LEU B 7 -15.79 -11.55 6.41
N GLU B 8 -17.02 -11.62 6.93
CA GLU B 8 -17.96 -10.53 6.74
C GLU B 8 -17.33 -9.23 7.36
N ASN B 9 -16.77 -9.32 8.57
CA ASN B 9 -16.19 -8.11 9.25
C ASN B 9 -15.06 -7.51 8.40
N VAL B 10 -14.21 -8.37 7.83
CA VAL B 10 -13.10 -7.90 7.01
C VAL B 10 -13.64 -7.27 5.72
N PHE B 11 -14.48 -8.01 4.99
CA PHE B 11 -15.10 -7.45 3.76
C PHE B 11 -15.68 -6.03 4.13
N LEU B 12 -16.46 -5.98 5.17
CA LEU B 12 -17.20 -4.73 5.42
C LEU B 12 -16.26 -3.62 5.88
N GLY B 13 -15.22 -3.99 6.61
CA GLY B 13 -14.26 -3.02 7.12
C GLY B 13 -13.42 -2.45 5.98
N ARG B 14 -12.94 -3.31 5.09
CA ARG B 14 -12.26 -2.84 3.86
C ARG B 14 -13.20 -1.98 2.97
N CYS B 15 -14.47 -2.39 2.83
CA CYS B 15 -15.36 -1.68 1.98
C CYS B 15 -15.54 -0.28 2.49
N LYS B 16 -15.68 -0.14 3.80
CA LYS B 16 -16.02 1.23 4.42
C LYS B 16 -14.73 2.06 4.33
N ASP B 17 -13.62 1.45 4.75
CA ASP B 17 -12.32 2.08 4.56
C ASP B 17 -12.12 2.58 3.11
N TYR B 18 -12.41 1.70 2.15
CA TYR B 18 -12.14 2.07 0.75
C TYR B 18 -13.14 3.26 0.39
N GLU B 19 -14.42 3.05 0.70
CA GLU B 19 -15.51 4.02 0.38
C GLU B 19 -15.12 5.42 0.78
N ILE B 20 -14.70 5.58 2.06
CA ILE B 20 -14.44 6.93 2.65
C ILE B 20 -13.10 7.49 2.33
N THR B 21 -12.08 6.64 2.24
CA THR B 21 -10.72 7.12 2.23
C THR B 21 -9.82 6.69 1.10
N ARG B 22 -10.14 5.68 0.29
CA ARG B 22 -9.09 5.14 -0.62
C ARG B 22 -9.35 5.50 -2.10
N TYR B 23 -8.30 5.85 -2.82
CA TYR B 23 -8.36 6.09 -4.27
C TYR B 23 -9.31 7.20 -4.61
N LEU B 24 -9.55 8.15 -3.69
CA LEU B 24 -10.53 9.20 -3.94
C LEU B 24 -10.33 10.04 -5.21
N ASP B 25 -9.10 10.21 -5.58
CA ASP B 25 -8.79 11.09 -6.72
C ASP B 25 -8.49 10.25 -7.95
N ILE B 26 -8.64 8.92 -7.85
CA ILE B 26 -8.22 7.98 -8.89
C ILE B 26 -9.45 7.21 -9.42
N LEU B 27 -10.29 6.69 -8.51
CA LEU B 27 -11.46 5.92 -8.91
C LEU B 27 -12.74 6.48 -8.26
N PRO B 28 -13.86 6.43 -9.01
CA PRO B 28 -15.17 6.84 -8.48
C PRO B 28 -15.68 5.88 -7.42
N ARG B 29 -16.52 6.44 -6.51
CA ARG B 29 -17.31 5.70 -5.56
C ARG B 29 -18.41 4.92 -6.31
N VAL B 30 -18.87 3.83 -5.75
CA VAL B 30 -19.93 2.99 -6.27
C VAL B 30 -21.27 3.45 -5.67
N ARG B 31 -22.41 3.20 -6.35
CA ARG B 31 -23.64 3.65 -5.77
C ARG B 31 -24.05 2.88 -4.53
N SER B 32 -23.78 1.58 -4.51
CA SER B 32 -24.37 0.67 -3.50
C SER B 32 -23.60 0.78 -2.20
N ASP B 33 -24.31 0.65 -1.07
CA ASP B 33 -23.63 0.68 0.20
C ASP B 33 -22.95 -0.70 0.50
N CYS B 34 -22.07 -0.70 1.49
CA CYS B 34 -21.30 -1.89 1.84
C CYS B 34 -22.18 -3.07 2.22
N SER B 35 -23.28 -2.82 2.90
CA SER B 35 -24.11 -3.95 3.27
C SER B 35 -24.78 -4.58 1.99
N ALA B 36 -25.21 -3.76 1.01
CA ALA B 36 -25.77 -4.29 -0.25
C ALA B 36 -24.70 -5.10 -0.99
N LEU B 37 -23.51 -4.56 -1.06
CA LEU B 37 -22.44 -5.30 -1.68
C LEU B 37 -22.13 -6.68 -0.99
N TRP B 38 -22.09 -6.69 0.34
CA TRP B 38 -21.91 -7.94 1.07
C TRP B 38 -23.03 -8.92 0.67
N LYS B 39 -24.29 -8.45 0.62
CA LYS B 39 -25.39 -9.36 0.31
C LYS B 39 -25.19 -9.97 -1.06
N ASP B 40 -24.69 -9.17 -2.03
CA ASP B 40 -24.49 -9.73 -3.39
C ASP B 40 -23.31 -10.72 -3.47
N PHE B 41 -22.25 -10.44 -2.73
CA PHE B 41 -21.05 -11.27 -2.69
C PHE B 41 -21.38 -12.55 -2.05
N PHE B 42 -22.03 -12.50 -0.90
CA PHE B 42 -22.33 -13.70 -0.15
C PHE B 42 -23.31 -14.66 -0.86
N LYS B 43 -24.32 -14.13 -1.52
CA LYS B 43 -25.27 -15.02 -2.17
C LYS B 43 -24.68 -15.73 -3.40
N ALA B 44 -23.50 -15.30 -3.80
CA ALA B 44 -22.86 -15.86 -4.97
C ALA B 44 -22.41 -17.28 -4.60
N PHE B 45 -21.98 -17.47 -3.37
CA PHE B 45 -21.42 -18.76 -3.01
C PHE B 45 -22.11 -19.49 -1.77
N SER B 46 -22.93 -18.79 -1.01
CA SER B 46 -23.38 -19.30 0.26
C SER B 46 -24.43 -20.41 0.03
N PHE B 47 -24.49 -21.32 0.99
CA PHE B 47 -25.51 -22.35 1.02
C PHE B 47 -25.43 -23.28 -0.17
N LYS B 48 -24.18 -23.41 -0.64
CA LYS B 48 -23.83 -24.27 -1.75
C LYS B 48 -22.56 -25.04 -1.46
N ASN B 49 -22.44 -26.20 -2.10
CA ASN B 49 -21.19 -26.91 -2.02
C ASN B 49 -20.08 -25.99 -2.54
N PRO B 50 -18.85 -26.16 -2.01
CA PRO B 50 -17.80 -25.14 -2.28
C PRO B 50 -17.40 -25.07 -3.76
N CYS B 51 -17.70 -26.12 -4.56
CA CYS B 51 -17.36 -26.06 -5.98
C CYS B 51 -18.57 -25.79 -6.88
N ASP B 52 -19.72 -25.44 -6.30
CA ASP B 52 -20.91 -25.21 -7.10
C ASP B 52 -20.93 -23.74 -7.50
N LEU B 53 -19.97 -23.35 -8.35
CA LEU B 53 -19.85 -22.01 -8.86
C LEU B 53 -19.60 -22.07 -10.36
N ASP B 54 -20.05 -21.03 -11.06
CA ASP B 54 -19.64 -20.77 -12.44
C ASP B 54 -19.42 -19.27 -12.72
N LEU B 55 -19.04 -18.97 -13.96
CA LEU B 55 -18.72 -17.57 -14.25
C LEU B 55 -19.86 -16.59 -13.91
N GLY B 56 -21.10 -17.08 -13.87
CA GLY B 56 -22.23 -16.18 -13.59
C GLY B 56 -22.49 -15.97 -12.10
N SER B 57 -21.80 -16.71 -11.23
CA SER B 57 -22.15 -16.69 -9.79
C SER B 57 -22.13 -15.30 -9.08
N TYR B 58 -21.04 -14.56 -9.31
CA TYR B 58 -20.79 -13.26 -8.70
C TYR B 58 -21.25 -12.16 -9.64
N LYS B 59 -22.08 -12.52 -10.63
CA LYS B 59 -22.57 -11.52 -11.58
C LYS B 59 -23.14 -10.25 -10.87
N ASP B 60 -24.13 -10.38 -9.99
CA ASP B 60 -24.72 -9.18 -9.36
C ASP B 60 -23.64 -8.38 -8.57
N PHE B 61 -22.76 -9.09 -7.87
CA PHE B 61 -21.79 -8.42 -7.02
C PHE B 61 -20.92 -7.54 -7.92
N PHE B 62 -20.41 -8.14 -9.01
CA PHE B 62 -19.45 -7.38 -9.86
C PHE B 62 -20.15 -6.22 -10.60
N THR B 63 -21.43 -6.40 -10.92
CA THR B 63 -22.30 -5.34 -11.49
C THR B 63 -22.39 -4.15 -10.54
N SER B 64 -22.77 -4.42 -9.30
CA SER B 64 -22.87 -3.36 -8.29
C SER B 64 -21.53 -2.67 -8.03
N ALA B 65 -20.47 -3.46 -8.03
CA ALA B 65 -19.16 -3.06 -7.57
C ALA B 65 -18.32 -2.42 -8.66
N GLN B 66 -18.79 -2.37 -9.90
CA GLN B 66 -17.84 -1.98 -10.95
C GLN B 66 -17.73 -0.47 -10.96
N GLN B 67 -16.51 -0.04 -11.18
CA GLN B 67 -16.21 1.39 -11.27
C GLN B 67 -15.79 1.71 -12.70
N GLN B 68 -16.16 2.90 -13.16
CA GLN B 68 -15.53 3.52 -14.33
C GLN B 68 -14.03 3.67 -14.09
N LEU B 69 -13.17 3.27 -15.03
CA LEU B 69 -11.70 3.20 -14.77
C LEU B 69 -10.97 4.32 -15.54
N PRO B 70 -9.89 4.89 -14.98
CA PRO B 70 -9.14 6.02 -15.55
C PRO B 70 -8.58 5.63 -16.92
N LYS B 71 -8.92 6.40 -17.93
CA LYS B 71 -8.44 6.16 -19.27
C LYS B 71 -6.90 6.08 -19.30
N ASN B 72 -6.37 5.12 -20.05
CA ASN B 72 -4.93 4.93 -20.22
C ASN B 72 -4.22 4.41 -19.00
N LYS B 73 -4.95 4.02 -17.96
CA LYS B 73 -4.25 3.71 -16.71
C LYS B 73 -4.47 2.32 -16.25
N VAL B 74 -5.22 1.54 -17.02
CA VAL B 74 -5.55 0.20 -16.56
C VAL B 74 -4.35 -0.72 -16.86
N MET B 75 -4.00 -1.54 -15.88
CA MET B 75 -2.94 -2.51 -16.03
C MET B 75 -3.44 -3.93 -15.67
N PHE B 76 -2.92 -4.89 -16.39
CA PHE B 76 -3.17 -6.29 -16.07
C PHE B 76 -1.77 -6.85 -15.82
N TRP B 77 -1.73 -8.04 -15.23
CA TRP B 77 -0.43 -8.66 -14.96
C TRP B 77 -0.59 -10.18 -14.90
N SER B 78 0.47 -10.92 -15.22
CA SER B 78 0.43 -12.34 -14.99
C SER B 78 1.82 -12.78 -14.52
N GLY B 79 1.94 -13.46 -13.36
CA GLY B 79 3.29 -13.97 -12.93
C GLY B 79 4.19 -13.00 -12.21
N VAL B 80 3.74 -11.74 -12.04
CA VAL B 80 4.61 -10.68 -11.53
C VAL B 80 3.93 -9.78 -10.45
N TYR B 81 3.22 -10.40 -9.51
CA TYR B 81 2.43 -9.61 -8.56
C TYR B 81 3.27 -8.45 -7.97
N ASP B 82 4.41 -8.73 -7.35
CA ASP B 82 5.06 -7.62 -6.62
C ASP B 82 5.54 -6.50 -7.59
N GLU B 83 6.14 -6.90 -8.72
CA GLU B 83 6.73 -5.93 -9.66
C GLU B 83 5.62 -5.08 -10.27
N ALA B 84 4.51 -5.71 -10.62
CA ALA B 84 3.40 -4.92 -11.20
C ALA B 84 2.79 -3.89 -10.25
N HIS B 85 2.52 -4.29 -9.02
CA HIS B 85 1.96 -3.42 -8.01
C HIS B 85 2.98 -2.35 -7.56
N ASP B 86 4.26 -2.70 -7.53
CA ASP B 86 5.29 -1.75 -7.13
C ASP B 86 5.31 -0.70 -8.23
N TYR B 87 5.31 -1.14 -9.49
CA TYR B 87 5.30 -0.21 -10.63
C TYR B 87 4.02 0.68 -10.78
N ALA B 88 2.83 0.08 -10.58
CA ALA B 88 1.56 0.80 -10.68
C ALA B 88 1.51 1.88 -9.63
N ASN B 89 2.05 1.52 -8.46
CA ASN B 89 2.28 2.43 -7.35
C ASN B 89 0.93 2.92 -6.81
N THR B 90 0.10 1.95 -6.38
CA THR B 90 -1.20 2.23 -5.74
C THR B 90 -2.03 3.26 -6.52
N GLY B 91 -2.10 3.05 -7.81
CA GLY B 91 -3.00 3.83 -8.61
C GLY B 91 -2.38 5.10 -9.12
N ARG B 92 -1.20 5.46 -8.63
CA ARG B 92 -0.60 6.68 -9.11
C ARG B 92 -0.08 6.61 -10.56
N LYS B 93 0.53 5.50 -10.98
CA LYS B 93 0.98 5.38 -12.38
C LYS B 93 -0.03 4.53 -13.22
N TYR B 94 -0.51 3.41 -12.65
CA TYR B 94 -1.55 2.60 -13.24
C TYR B 94 -2.46 2.07 -12.09
N ILE B 95 -3.62 1.54 -12.48
CA ILE B 95 -4.63 0.93 -11.61
C ILE B 95 -4.37 -0.54 -11.88
N THR B 96 -4.45 -1.37 -10.87
CA THR B 96 -4.50 -2.82 -11.07
C THR B 96 -5.91 -3.23 -10.56
N LEU B 97 -6.30 -4.44 -10.91
CA LEU B 97 -7.58 -4.97 -10.37
C LEU B 97 -7.61 -4.82 -8.85
N GLU B 98 -6.47 -5.00 -8.19
CA GLU B 98 -6.49 -5.07 -6.76
C GLU B 98 -6.64 -3.67 -6.13
N ASP B 99 -6.60 -2.62 -6.92
CA ASP B 99 -6.90 -1.29 -6.45
C ASP B 99 -8.33 -0.91 -6.65
N THR B 100 -9.08 -1.73 -7.38
CA THR B 100 -10.51 -1.34 -7.61
C THR B 100 -11.26 -1.84 -6.38
N LEU B 101 -12.41 -1.30 -6.09
CA LEU B 101 -13.19 -1.77 -4.96
C LEU B 101 -13.31 -3.33 -4.80
N PRO B 102 -13.81 -4.08 -5.82
CA PRO B 102 -13.96 -5.51 -5.51
C PRO B 102 -12.63 -6.18 -5.35
N GLY B 103 -11.65 -5.78 -6.14
CA GLY B 103 -10.30 -6.35 -5.97
C GLY B 103 -9.65 -6.03 -4.64
N TYR B 104 -9.73 -4.79 -4.19
CA TYR B 104 -9.17 -4.42 -2.89
C TYR B 104 -9.88 -5.20 -1.73
N MET B 105 -11.21 -5.33 -1.78
CA MET B 105 -11.93 -5.96 -0.65
C MET B 105 -11.51 -7.42 -0.54
N LEU B 106 -11.45 -8.12 -1.68
CA LEU B 106 -11.17 -9.60 -1.58
C LEU B 106 -9.67 -10.05 -1.77
N ASN B 107 -8.80 -9.16 -2.14
CA ASN B 107 -7.40 -9.53 -2.33
C ASN B 107 -6.88 -10.31 -1.15
N SER B 108 -6.22 -11.46 -1.43
CA SER B 108 -5.57 -12.30 -0.40
C SER B 108 -6.57 -13.08 0.42
N LEU B 109 -7.88 -12.86 0.25
CA LEU B 109 -8.82 -13.60 1.15
C LEU B 109 -9.14 -14.99 0.60
N VAL B 110 -9.69 -15.83 1.47
CA VAL B 110 -10.03 -17.20 1.15
C VAL B 110 -11.34 -17.47 1.76
N TRP B 111 -12.27 -18.01 0.94
CA TRP B 111 -13.63 -18.28 1.44
C TRP B 111 -14.26 -19.33 0.56
N CYS B 112 -15.27 -19.96 1.08
CA CYS B 112 -16.07 -20.88 0.23
C CYS B 112 -17.44 -21.22 0.83
N GLY B 113 -18.38 -21.68 0.01
CA GLY B 113 -19.72 -22.03 0.45
C GLY B 113 -19.73 -23.39 1.13
N GLN B 114 -20.77 -23.66 1.88
CA GLN B 114 -21.12 -25.04 2.22
C GLN B 114 -22.64 -25.04 2.31
N ARG B 115 -23.26 -26.19 2.16
CA ARG B 115 -24.74 -26.23 2.25
C ARG B 115 -25.32 -26.01 3.66
N ALA B 116 -24.70 -26.61 4.68
CA ALA B 116 -25.16 -26.48 6.04
C ALA B 116 -24.96 -25.04 6.52
N ASN B 117 -25.94 -24.57 7.29
CA ASN B 117 -25.77 -23.32 8.02
C ASN B 117 -24.36 -23.27 8.63
N PRO B 118 -23.65 -22.12 8.57
CA PRO B 118 -24.09 -20.79 8.20
C PRO B 118 -23.90 -20.50 6.70
N GLY B 119 -23.64 -21.52 5.90
CA GLY B 119 -23.69 -21.32 4.47
C GLY B 119 -22.33 -21.12 3.85
N PHE B 120 -21.29 -21.08 4.69
CA PHE B 120 -19.92 -20.85 4.29
C PHE B 120 -19.01 -21.56 5.27
N ASN B 121 -17.90 -22.04 4.74
CA ASN B 121 -17.08 -22.96 5.54
C ASN B 121 -16.04 -22.12 6.29
N GLU B 122 -16.13 -22.14 7.63
CA GLU B 122 -15.17 -21.41 8.44
C GLU B 122 -13.95 -22.23 8.76
N LYS B 123 -13.89 -23.51 8.36
CA LYS B 123 -12.76 -24.37 8.80
C LYS B 123 -11.85 -24.69 7.65
N VAL B 124 -12.40 -25.03 6.49
CA VAL B 124 -11.56 -25.56 5.40
C VAL B 124 -12.16 -25.23 4.03
N CYS B 125 -11.31 -24.89 3.07
CA CYS B 125 -11.72 -24.60 1.70
C CYS B 125 -10.83 -25.44 0.82
N PRO B 126 -11.37 -25.89 -0.33
CA PRO B 126 -10.62 -26.69 -1.28
C PRO B 126 -9.40 -25.92 -1.86
N ASP B 127 -8.25 -26.60 -2.04
CA ASP B 127 -7.07 -26.08 -2.80
C ASP B 127 -7.52 -25.35 -4.08
N PHE B 128 -8.71 -25.73 -4.52
CA PHE B 128 -9.40 -25.02 -5.59
C PHE B 128 -8.78 -25.22 -7.00
N LYS B 129 -7.47 -25.48 -7.09
CA LYS B 129 -7.05 -26.35 -8.18
C LYS B 129 -7.99 -27.58 -8.23
N THR B 130 -8.58 -27.93 -7.08
CA THR B 130 -9.54 -29.04 -6.97
C THR B 130 -10.96 -28.89 -7.61
N CYS B 131 -11.51 -27.70 -7.71
CA CYS B 131 -12.87 -27.58 -8.25
C CYS B 131 -12.76 -27.50 -9.76
N PRO B 132 -13.88 -27.72 -10.46
CA PRO B 132 -13.83 -27.58 -11.92
C PRO B 132 -13.49 -26.15 -12.36
N VAL B 133 -12.98 -26.04 -13.57
CA VAL B 133 -12.40 -24.80 -14.07
C VAL B 133 -13.36 -23.60 -13.90
N GLN B 134 -14.61 -23.71 -14.36
CA GLN B 134 -15.56 -22.59 -14.22
C GLN B 134 -15.80 -22.11 -12.76
N ALA B 135 -15.57 -23.01 -11.80
CA ALA B 135 -15.77 -22.73 -10.35
C ALA B 135 -14.55 -22.15 -9.72
N ARG B 136 -13.41 -22.78 -9.94
CA ARG B 136 -12.17 -22.25 -9.47
C ARG B 136 -11.96 -20.80 -10.00
N GLU B 137 -12.45 -20.49 -11.18
CA GLU B 137 -12.15 -19.17 -11.78
C GLU B 137 -13.33 -18.28 -11.70
N SER B 138 -14.39 -18.70 -10.97
CA SER B 138 -15.66 -17.93 -10.94
C SER B 138 -15.41 -16.50 -10.44
N PHE B 139 -14.67 -16.35 -9.36
CA PHE B 139 -14.59 -15.01 -8.70
C PHE B 139 -13.61 -14.13 -9.46
N TRP B 140 -12.35 -14.58 -9.61
CA TRP B 140 -11.36 -13.68 -10.25
C TRP B 140 -11.53 -13.62 -11.75
N GLY B 141 -12.21 -14.61 -12.31
CA GLY B 141 -12.52 -14.58 -13.77
C GLY B 141 -13.63 -13.56 -14.07
N MET B 142 -14.70 -13.58 -13.28
CA MET B 142 -15.65 -12.49 -13.42
C MET B 142 -15.03 -11.09 -13.08
N ALA B 143 -14.18 -11.05 -12.06
CA ALA B 143 -13.48 -9.80 -11.63
C ALA B 143 -12.69 -9.21 -12.84
N SER B 144 -12.00 -10.10 -13.49
CA SER B 144 -11.19 -9.76 -14.66
C SER B 144 -11.99 -9.38 -15.88
N SER B 145 -13.12 -10.04 -16.15
CA SER B 145 -14.01 -9.71 -17.22
C SER B 145 -14.57 -8.32 -17.07
N SER B 146 -15.07 -8.07 -15.88
CA SER B 146 -15.79 -6.82 -15.65
C SER B 146 -14.80 -5.65 -15.71
N TYR B 147 -13.59 -5.85 -15.18
CA TYR B 147 -12.58 -4.85 -15.18
C TYR B 147 -12.13 -4.58 -16.63
N ALA B 148 -11.79 -5.63 -17.36
CA ALA B 148 -11.49 -5.50 -18.81
C ALA B 148 -12.58 -4.76 -19.60
N HIS B 149 -13.85 -5.00 -19.32
CA HIS B 149 -14.94 -4.42 -20.12
C HIS B 149 -15.02 -2.90 -19.91
N SER B 150 -14.55 -2.47 -18.73
CA SER B 150 -14.46 -1.04 -18.32
C SER B 150 -13.18 -0.31 -18.68
N ALA B 151 -12.19 -1.00 -19.22
CA ALA B 151 -10.98 -0.34 -19.61
C ALA B 151 -11.16 0.57 -20.83
N GLU B 152 -10.45 1.68 -20.80
CA GLU B 152 -10.46 2.64 -21.90
C GLU B 152 -9.06 3.11 -22.27
N GLY B 153 -8.86 3.44 -23.56
CA GLY B 153 -7.55 3.91 -24.08
C GLY B 153 -6.44 2.84 -24.02
N GLU B 154 -5.23 3.23 -23.61
CA GLU B 154 -4.10 2.29 -23.64
C GLU B 154 -4.19 1.41 -22.41
N VAL B 155 -4.05 0.11 -22.60
CA VAL B 155 -4.03 -0.80 -21.44
C VAL B 155 -2.61 -1.38 -21.43
N THR B 156 -2.08 -1.69 -20.23
CA THR B 156 -0.70 -2.18 -20.05
C THR B 156 -0.80 -3.59 -19.51
N TYR B 157 0.15 -4.49 -19.90
CA TYR B 157 0.08 -5.85 -19.43
C TYR B 157 1.49 -6.21 -19.09
N MET B 158 1.77 -6.47 -17.82
CA MET B 158 3.06 -6.91 -17.36
C MET B 158 3.15 -8.41 -17.20
N VAL B 159 4.20 -9.02 -17.75
CA VAL B 159 4.31 -10.41 -17.72
C VAL B 159 5.72 -10.82 -17.33
N ASP B 160 5.87 -12.08 -16.95
CA ASP B 160 7.21 -12.63 -16.56
C ASP B 160 7.90 -13.22 -17.80
N GLY B 161 9.03 -12.66 -18.18
CA GLY B 161 9.71 -13.13 -19.34
C GLY B 161 10.85 -14.07 -18.92
N SER B 162 10.86 -14.50 -17.67
CA SER B 162 11.98 -15.34 -17.17
C SER B 162 11.61 -16.68 -16.56
N ASN B 163 10.40 -17.16 -16.82
CA ASN B 163 9.89 -18.34 -16.16
C ASN B 163 9.94 -19.54 -17.10
N PRO B 164 10.86 -20.53 -16.87
CA PRO B 164 10.96 -21.52 -17.95
C PRO B 164 9.76 -22.51 -17.93
N LYS B 165 8.92 -22.40 -16.90
CA LYS B 165 7.78 -23.37 -16.75
C LYS B 165 6.46 -22.75 -17.21
N VAL B 166 6.39 -21.41 -17.32
CA VAL B 166 5.16 -20.72 -17.60
C VAL B 166 5.43 -19.59 -18.62
N PRO B 167 4.87 -19.72 -19.82
CA PRO B 167 5.08 -18.72 -20.87
C PRO B 167 4.54 -17.36 -20.38
N ALA B 168 5.10 -16.29 -20.96
CA ALA B 168 4.78 -14.97 -20.58
C ALA B 168 3.30 -14.76 -20.78
N TYR B 169 2.84 -15.18 -21.94
CA TYR B 169 1.42 -15.07 -22.27
C TYR B 169 0.89 -16.46 -22.47
N ARG B 170 -0.24 -16.77 -21.79
CA ARG B 170 -0.98 -17.99 -22.17
C ARG B 170 -2.47 -17.79 -22.29
N PRO B 171 -3.05 -18.49 -23.23
CA PRO B 171 -4.49 -18.40 -23.54
C PRO B 171 -5.37 -18.73 -22.28
N ASP B 172 -4.87 -19.55 -21.38
CA ASP B 172 -5.64 -19.92 -20.25
C ASP B 172 -5.29 -19.26 -18.92
N SER B 173 -4.53 -18.19 -18.91
CA SER B 173 -4.32 -17.39 -17.66
C SER B 173 -5.60 -16.57 -17.47
N PHE B 174 -5.74 -15.92 -16.32
CA PHE B 174 -6.96 -15.03 -16.17
C PHE B 174 -6.92 -13.91 -17.22
N PHE B 175 -5.74 -13.38 -17.55
CA PHE B 175 -5.72 -12.33 -18.58
C PHE B 175 -6.14 -12.91 -20.00
N GLY B 176 -5.52 -14.04 -20.31
CA GLY B 176 -5.73 -14.76 -21.56
C GLY B 176 -7.22 -15.12 -21.73
N LYS B 177 -7.85 -15.62 -20.67
CA LYS B 177 -9.17 -16.16 -20.80
C LYS B 177 -10.22 -15.09 -20.54
N TYR B 178 -9.94 -14.15 -19.64
CA TYR B 178 -11.02 -13.19 -19.21
C TYR B 178 -10.71 -11.72 -19.44
N GLY B 179 -9.43 -11.43 -19.67
CA GLY B 179 -8.97 -10.05 -19.90
C GLY B 179 -9.07 -9.67 -21.34
N LEU B 180 -8.07 -10.13 -22.12
CA LEU B 180 -8.00 -9.73 -23.52
C LEU B 180 -9.29 -9.91 -24.31
N PRO B 181 -9.98 -11.06 -24.19
CA PRO B 181 -11.20 -11.25 -25.04
C PRO B 181 -12.29 -10.22 -24.67
N ASN B 182 -12.16 -9.58 -23.51
CA ASN B 182 -13.21 -8.72 -23.00
C ASN B 182 -12.86 -7.25 -23.10
N LEU B 183 -11.67 -6.94 -23.63
CA LEU B 183 -11.35 -5.56 -24.05
C LEU B 183 -12.28 -5.12 -25.20
N THR B 184 -12.80 -3.91 -25.08
CA THR B 184 -13.82 -3.39 -26.01
C THR B 184 -13.23 -2.39 -26.98
N ASN B 185 -14.05 -1.81 -27.87
CA ASN B 185 -13.53 -0.83 -28.86
C ASN B 185 -13.06 0.49 -28.20
N LYS B 186 -13.32 0.64 -26.91
CA LYS B 186 -12.74 1.78 -26.16
C LYS B 186 -11.25 1.73 -25.91
N VAL B 187 -10.69 0.53 -26.09
CA VAL B 187 -9.27 0.28 -25.86
C VAL B 187 -8.60 0.61 -27.17
N THR B 188 -7.49 1.33 -27.11
CA THR B 188 -6.80 1.75 -28.33
C THR B 188 -5.51 0.96 -28.61
N ARG B 189 -4.88 0.41 -27.57
CA ARG B 189 -3.53 -0.11 -27.61
C ARG B 189 -3.33 -1.01 -26.41
N VAL B 190 -2.63 -2.13 -26.61
CA VAL B 190 -2.13 -2.99 -25.54
C VAL B 190 -0.63 -2.87 -25.52
N LYS B 191 -0.11 -2.39 -24.38
CA LYS B 191 1.31 -2.10 -24.14
C LYS B 191 1.89 -3.20 -23.21
N VAL B 192 2.78 -4.04 -23.73
CA VAL B 192 3.21 -5.19 -22.93
C VAL B 192 4.55 -4.80 -22.32
N ILE B 193 4.77 -5.19 -21.06
CA ILE B 193 6.04 -4.93 -20.39
C ILE B 193 6.47 -6.32 -19.97
N VAL B 194 7.59 -6.73 -20.53
CA VAL B 194 8.15 -8.03 -20.25
C VAL B 194 9.22 -7.87 -19.18
N LEU B 195 9.01 -8.53 -18.04
CA LEU B 195 10.02 -8.48 -16.95
C LEU B 195 11.10 -9.51 -17.18
N HIS B 196 12.36 -9.08 -17.19
CA HIS B 196 13.50 -10.01 -17.23
C HIS B 196 14.14 -9.98 -15.88
N ARG B 197 13.77 -10.95 -15.04
CA ARG B 197 14.34 -11.01 -13.69
C ARG B 197 15.90 -10.90 -13.64
N LEU B 198 16.39 -10.02 -12.74
CA LEU B 198 17.79 -9.74 -12.68
C LEU B 198 18.52 -11.03 -12.33
N GLY B 199 19.56 -11.31 -13.06
CA GLY B 199 20.42 -12.45 -12.73
C GLY B 199 19.83 -13.75 -13.23
N GLU B 200 18.63 -13.72 -13.85
CA GLU B 200 17.98 -14.90 -14.43
C GLU B 200 17.99 -15.00 -15.96
N LYS B 201 18.03 -16.25 -16.46
CA LYS B 201 17.99 -16.51 -17.90
C LYS B 201 16.75 -15.89 -18.49
N ILE B 202 16.93 -15.16 -19.60
CA ILE B 202 15.79 -14.65 -20.41
C ILE B 202 15.14 -15.84 -21.09
N ILE B 203 13.83 -15.95 -20.94
CA ILE B 203 13.13 -17.08 -21.56
C ILE B 203 12.24 -16.55 -22.73
N GLU B 204 11.63 -15.39 -22.53
CA GLU B 204 10.66 -14.87 -23.49
C GLU B 204 11.08 -13.47 -23.90
N LYS B 205 10.90 -13.20 -25.19
CA LYS B 205 11.30 -11.94 -25.84
C LYS B 205 10.12 -11.33 -26.63
N CYS B 206 10.04 -10.01 -26.64
CA CYS B 206 9.13 -9.34 -27.52
C CYS B 206 9.39 -9.87 -28.95
N GLY B 207 8.32 -10.15 -29.67
CA GLY B 207 8.42 -10.45 -31.10
C GLY B 207 8.64 -11.94 -31.30
N ALA B 208 8.50 -12.76 -30.27
CA ALA B 208 8.82 -14.19 -30.47
C ALA B 208 7.93 -15.00 -29.52
N GLY B 209 7.82 -16.30 -29.74
CA GLY B 209 7.16 -17.18 -28.74
C GLY B 209 5.74 -16.72 -28.43
N SER B 210 5.33 -16.90 -27.17
CA SER B 210 4.01 -16.49 -26.72
C SER B 210 3.68 -15.01 -26.87
N LEU B 211 4.69 -14.13 -26.82
CA LEU B 211 4.50 -12.69 -27.07
C LEU B 211 4.14 -12.33 -28.52
N LEU B 212 4.56 -13.16 -29.44
CA LEU B 212 4.12 -13.03 -30.78
C LEU B 212 2.70 -13.52 -30.94
N ASP B 213 2.28 -14.53 -30.15
CA ASP B 213 0.92 -15.02 -30.24
C ASP B 213 0.04 -13.91 -29.72
N LEU B 214 0.52 -13.23 -28.68
CA LEU B 214 -0.28 -12.19 -28.02
C LEU B 214 -0.41 -11.02 -28.98
N GLU B 215 0.67 -10.71 -29.65
CA GLU B 215 0.71 -9.62 -30.62
C GLU B 215 -0.32 -9.81 -31.73
N LYS B 216 -0.37 -11.02 -32.26
CA LYS B 216 -1.27 -11.37 -33.34
C LYS B 216 -2.72 -11.18 -32.88
N LEU B 217 -3.00 -11.63 -31.68
CA LEU B 217 -4.33 -11.49 -31.08
C LEU B 217 -4.78 -10.03 -30.88
N VAL B 218 -3.86 -9.25 -30.32
CA VAL B 218 -4.08 -7.85 -30.10
C VAL B 218 -4.41 -7.11 -31.39
N LYS B 219 -3.59 -7.38 -32.41
CA LYS B 219 -3.84 -6.81 -33.76
C LYS B 219 -5.11 -7.27 -34.39
N ALA B 220 -5.52 -8.53 -34.19
CA ALA B 220 -6.82 -9.05 -34.68
C ALA B 220 -8.06 -8.31 -34.09
N LYS B 221 -7.87 -7.69 -32.94
CA LYS B 221 -8.88 -6.87 -32.32
C LYS B 221 -8.79 -5.42 -32.77
N HIS B 222 -7.83 -5.12 -33.63
CA HIS B 222 -7.60 -3.79 -34.15
C HIS B 222 -7.09 -2.81 -33.09
N PHE B 223 -6.49 -3.30 -32.03
CA PHE B 223 -5.75 -2.39 -31.17
C PHE B 223 -4.30 -2.28 -31.67
N ALA B 224 -3.68 -1.14 -31.39
CA ALA B 224 -2.26 -1.07 -31.61
C ALA B 224 -1.59 -1.99 -30.56
N PHE B 225 -0.30 -2.20 -30.77
CA PHE B 225 0.47 -3.09 -29.90
C PHE B 225 1.90 -2.58 -29.74
N ASP B 226 2.37 -2.52 -28.51
CA ASP B 226 3.80 -2.37 -28.34
C ASP B 226 4.30 -3.26 -27.23
N CYS B 227 5.61 -3.54 -27.27
CA CYS B 227 6.18 -4.42 -26.24
C CYS B 227 7.59 -4.00 -25.93
N VAL B 228 7.93 -4.02 -24.66
CA VAL B 228 9.25 -3.54 -24.20
C VAL B 228 9.69 -4.50 -23.12
N GLU B 229 10.98 -4.79 -23.12
CA GLU B 229 11.55 -5.62 -22.09
C GLU B 229 12.31 -4.74 -21.09
N ASN B 230 12.01 -4.92 -19.81
CA ASN B 230 12.70 -4.10 -18.79
C ASN B 230 12.89 -2.58 -19.15
N PRO B 231 11.79 -1.86 -19.43
CA PRO B 231 11.89 -0.42 -19.65
C PRO B 231 12.66 0.14 -18.45
N ARG B 232 13.35 1.26 -18.63
CA ARG B 232 14.25 1.78 -17.61
C ARG B 232 13.49 1.95 -16.29
N ALA B 233 12.27 2.46 -16.36
CA ALA B 233 11.50 2.78 -15.13
C ALA B 233 11.29 1.54 -14.29
N VAL B 234 11.10 0.38 -14.96
CA VAL B 234 10.86 -0.88 -14.27
C VAL B 234 12.21 -1.48 -13.83
N LEU B 235 13.18 -1.43 -14.72
CA LEU B 235 14.52 -1.91 -14.37
C LEU B 235 15.01 -1.26 -13.07
N PHE B 236 14.87 0.08 -12.91
CA PHE B 236 15.35 0.69 -11.64
C PHE B 236 14.59 0.21 -10.39
N LEU B 237 13.31 -0.05 -10.53
CA LEU B 237 12.63 -0.67 -9.37
C LEU B 237 13.31 -2.03 -9.03
N LEU B 238 13.56 -2.84 -10.04
CA LEU B 238 14.26 -4.15 -9.83
C LEU B 238 15.57 -3.98 -9.21
N CYS B 239 16.37 -3.05 -9.76
CA CYS B 239 17.66 -2.71 -9.18
C CYS B 239 17.60 -2.26 -7.72
N SER B 240 16.60 -1.48 -7.38
CA SER B 240 16.44 -1.01 -6.03
C SER B 240 16.47 -2.19 -5.05
N ASP B 241 15.90 -3.33 -5.43
CA ASP B 241 15.97 -4.51 -4.56
C ASP B 241 17.17 -5.40 -4.69
N ASN B 242 18.02 -5.11 -5.64
CA ASN B 242 19.15 -5.92 -5.95
C ASN B 242 20.16 -5.00 -6.60
N PRO B 243 20.69 -4.04 -5.83
CA PRO B 243 21.54 -3.01 -6.39
C PRO B 243 22.90 -3.45 -6.92
N ASN B 244 23.35 -4.67 -6.61
CA ASN B 244 24.66 -5.12 -7.12
C ASN B 244 24.51 -6.00 -8.35
N ALA B 245 23.29 -6.18 -8.80
CA ALA B 245 23.03 -7.05 -9.96
C ALA B 245 23.75 -6.45 -11.14
N ARG B 246 24.26 -7.30 -12.02
CA ARG B 246 25.11 -6.87 -13.13
C ARG B 246 24.37 -5.89 -14.01
N GLU B 247 23.10 -6.12 -14.19
CA GLU B 247 22.21 -5.28 -14.98
C GLU B 247 22.12 -3.83 -14.49
N CYS B 248 22.60 -3.56 -13.28
CA CYS B 248 22.29 -2.34 -12.59
C CYS B 248 23.50 -1.42 -12.61
N ARG B 249 24.67 -1.92 -13.01
CA ARG B 249 25.87 -1.08 -13.07
C ARG B 249 25.56 0.27 -13.76
N LEU B 250 25.89 1.35 -13.06
CA LEU B 250 25.82 2.73 -13.54
C LEU B 250 27.12 3.24 -14.24
N ALA B 251 27.02 4.37 -14.96
CA ALA B 251 28.07 4.82 -15.90
C ALA B 251 29.35 5.28 -15.22
PA NAD C . -0.99 -15.46 -12.64
O1A NAD C . 0.12 -14.67 -11.99
O2A NAD C . -0.62 -16.71 -13.33
O5B NAD C . -2.20 -15.76 -11.59
C5B NAD C . -2.57 -14.84 -10.59
C4B NAD C . -3.06 -15.61 -9.36
O4B NAD C . -3.66 -16.84 -9.72
C3B NAD C . -1.82 -15.91 -8.52
O3B NAD C . -1.83 -15.12 -7.35
C2B NAD C . -1.88 -17.40 -8.22
O2B NAD C . -2.27 -17.60 -6.89
C1B NAD C . -3.00 -17.95 -9.09
N9A NAD C . -2.34 -18.92 -10.02
C8A NAD C . -1.53 -18.60 -11.08
N7A NAD C . -1.11 -19.73 -11.69
C5A NAD C . -1.62 -20.81 -11.01
C6A NAD C . -1.50 -22.20 -11.19
N6A NAD C . -1.10 -22.68 -12.37
N1A NAD C . -2.16 -23.07 -10.31
C2A NAD C . -2.91 -22.57 -9.25
N3A NAD C . -3.02 -21.20 -9.09
C4A NAD C . -2.39 -20.31 -9.95
O3 NAD C . -1.74 -14.51 -13.77
PN NAD C . -3.26 -14.56 -14.36
O1N NAD C . -3.15 -13.74 -15.66
O2N NAD C . -3.70 -16.01 -14.41
O5D NAD C . -4.04 -13.70 -13.18
C5D NAD C . -3.64 -12.37 -12.92
C4D NAD C . -4.56 -11.38 -13.63
O4D NAD C . -5.96 -11.52 -13.25
C3D NAD C . -4.27 -9.94 -13.08
O3D NAD C . -4.61 -8.91 -14.01
C2D NAD C . -5.05 -9.87 -11.78
O2D NAD C . -5.52 -8.57 -11.66
C1D NAD C . -6.17 -10.88 -11.99
N1N NAD C . -6.22 -11.85 -10.86
C2N NAD C . -6.01 -11.43 -9.58
C3N NAD C . -6.04 -12.33 -8.54
C7N NAD C . -5.82 -11.84 -7.15
O7N NAD C . -5.91 -12.80 -6.15
N7N NAD C . -5.49 -10.57 -6.93
C4N NAD C . -6.30 -13.68 -8.76
C5N NAD C . -6.50 -14.12 -10.06
C6N NAD C . -6.47 -13.17 -11.11
#